data_4B9U
#
_entry.id   4B9U
#
_cell.length_a   88.748
_cell.length_b   93.853
_cell.length_c   105.648
_cell.angle_alpha   90.00
_cell.angle_beta   90.00
_cell.angle_gamma   90.00
#
_symmetry.space_group_name_H-M   'P 21 21 21'
#
loop_
_entity.id
_entity.type
_entity.pdbx_description
1 polymer 'DNA POLYMERASE'
2 polymer "5'-D(*GP*CP*CP*TP*GP*AP*CP*TP*CP*GP*AP)-3'"
3 polymer "5'-D(*CP*AP*AP*FOXP*CP*GP*AP*GP*TP*CP*AP*GP*GP*CP*TP)-3'"
4 non-polymer 'SULFATE ION'
5 non-polymer 'MAGNESIUM ION'
6 water water
#
loop_
_entity_poly.entity_id
_entity_poly.type
_entity_poly.pdbx_seq_one_letter_code
_entity_poly.pdbx_strand_id
1 'polypeptide(L)'
;MASWSHPQFEKGASTSLYKKAGSAAAVLEENLYFQGSFTAKMAFTLADRVTEEMLADKAALVVEVVEENYHDAPIVGIAV
VNEHGRFFLRPETALADPQFVAWLGDETKKKSMFDSKRAAVALKWKGIELCGVSFDLLLAAYLLDPAQGVDDVAAAAKMK
QYEAVRPDEAVYGKGAKRAVPDEPVLAEHLVRKAAAIWALERPFLDELRRNEQDRLLVELEQPLSSILAEMEFAGVKVDT
KRLEQMGEELAEQLRTVEQRIYELAGQEFNINSPKQLGVILFEKLQLPVLKKSKTGYSTSADVLEKLAPYHEIVENILHY
RQLGKLQSTYIEGLLKVVRPDTKKVHTIFNQALTQTGRLSSTEPNLQNIPIRLEEGRKIRQAFVPSESDWLIFAADYSQI
ELRVLAHIAEDDNLMEAFRRDLDIHTKTAMDIFQVSEDEVTPNMRRQAKAVNFGIVYGISDYGLAQNLNISRKEAAEFIE
RYFESFPGVKRYMENIVQEAKQKGYVTTLLHRRRYLPDITSRNFNVRSFAERMAMNTPIQGSAADIIKKAMIDLNARLKE
ERLQARLLLQVHDELILEAPKEEMERLCRLVPEVMEQAVTLRVPLKVDYHYGSTWYDAK
;
A
2 'polydeoxyribonucleotide' (DG)(DC)(DC)(DT)(DG)(DA)(DC)(DT)(DC)(DG)(DA) B
3 'polydeoxyribonucleotide' (DC)(DA)(DA)(FOX)(DC)(DG)(DA)(DG)(DT)(DC)(DA)(DG)(DG)(DC)(DT) C
#
loop_
_chem_comp.id
_chem_comp.type
_chem_comp.name
_chem_comp.formula
DA DNA linking 2'-DEOXYADENOSINE-5'-MONOPHOSPHATE 'C10 H14 N5 O6 P'
DC DNA linking 2'-DEOXYCYTIDINE-5'-MONOPHOSPHATE 'C9 H14 N3 O7 P'
DG DNA linking 2'-DEOXYGUANOSINE-5'-MONOPHOSPHATE 'C10 H14 N5 O7 P'
DT DNA linking THYMIDINE-5'-MONOPHOSPHATE 'C10 H15 N2 O8 P'
FOX DNA linking '((1R,2S,4R)-4-{[2-AMINO-5-(FORMYLAMINO)-6-OXO-3,6-DIHYDROPYRIMIDIN-4-YL]AMINO}-2-HYDROXYCYCLOPENTYL)METHYL 5'-PHOSPHATE' 'C11 H18 N5 O7 P'
MG non-polymer 'MAGNESIUM ION' 'Mg 2'
SO4 non-polymer 'SULFATE ION' 'O4 S -2'
#
# COMPACT_ATOMS: atom_id res chain seq x y z
N ALA A 40 -38.61 -10.86 -5.22
CA ALA A 40 -39.01 -11.18 -3.82
C ALA A 40 -38.39 -10.19 -2.84
N LYS A 41 -39.16 -9.22 -2.34
CA LYS A 41 -38.64 -8.19 -1.45
C LYS A 41 -38.38 -8.75 -0.04
N MET A 42 -37.33 -8.27 0.64
CA MET A 42 -36.91 -8.76 1.98
C MET A 42 -37.64 -7.96 3.04
N ALA A 43 -38.14 -8.59 4.09
CA ALA A 43 -38.93 -7.83 5.06
C ALA A 43 -38.04 -6.94 5.93
N PHE A 44 -38.49 -5.72 6.21
CA PHE A 44 -37.82 -4.83 7.13
C PHE A 44 -38.71 -3.67 7.51
N THR A 45 -38.36 -3.00 8.59
CA THR A 45 -39.09 -1.83 9.04
C THR A 45 -38.35 -0.60 8.56
N LEU A 46 -39.02 0.20 7.75
CA LEU A 46 -38.45 1.49 7.37
C LEU A 46 -38.77 2.47 8.50
N ALA A 47 -37.93 2.51 9.54
CA ALA A 47 -38.25 3.28 10.76
C ALA A 47 -38.07 4.77 10.55
N ASP A 48 -38.83 5.58 11.27
CA ASP A 48 -38.59 7.03 11.27
C ASP A 48 -38.34 7.55 12.69
N ARG A 49 -38.12 6.62 13.62
CA ARG A 49 -37.55 6.94 14.93
C ARG A 49 -36.76 5.73 15.43
N VAL A 50 -35.74 5.99 16.25
CA VAL A 50 -34.93 4.93 16.82
C VAL A 50 -35.69 4.28 17.95
N THR A 51 -35.63 2.94 18.04
CA THR A 51 -36.23 2.19 19.13
C THR A 51 -35.20 1.34 19.85
N GLU A 52 -35.59 0.94 21.06
CA GLU A 52 -34.71 0.17 21.91
C GLU A 52 -34.24 -1.11 21.22
N GLU A 53 -35.12 -1.78 20.48
CA GLU A 53 -34.78 -3.09 19.93
C GLU A 53 -33.79 -3.03 18.76
N MET A 54 -33.56 -1.80 18.30
CA MET A 54 -32.53 -1.50 17.32
C MET A 54 -31.16 -1.38 17.95
N LEU A 55 -31.12 -1.33 19.27
CA LEU A 55 -29.87 -1.09 20.03
C LEU A 55 -29.45 -2.33 20.84
N ALA A 56 -29.76 -3.51 20.32
CA ALA A 56 -29.24 -4.80 20.87
C ALA A 56 -27.70 -4.82 20.89
N ASP A 57 -27.12 -5.69 21.71
CA ASP A 57 -25.69 -5.70 21.88
C ASP A 57 -24.94 -6.61 20.90
N LYS A 58 -25.64 -7.09 19.90
CA LYS A 58 -24.99 -7.73 18.74
C LYS A 58 -25.81 -7.39 17.51
N ALA A 59 -25.16 -6.84 16.47
CA ALA A 59 -25.89 -6.41 15.26
C ALA A 59 -24.99 -6.42 14.01
N ALA A 60 -25.60 -6.61 12.85
CA ALA A 60 -24.97 -6.27 11.58
C ALA A 60 -25.37 -4.83 11.29
N LEU A 61 -24.39 -4.00 10.92
CA LEU A 61 -24.59 -2.57 10.68
C LEU A 61 -24.02 -2.17 9.34
N VAL A 62 -24.78 -1.35 8.63
CA VAL A 62 -24.36 -0.74 7.38
C VAL A 62 -24.55 0.77 7.55
N VAL A 63 -23.49 1.51 7.35
CA VAL A 63 -23.47 2.96 7.38
C VAL A 63 -22.93 3.33 6.00
N GLU A 64 -23.82 3.67 5.10
CA GLU A 64 -23.46 3.65 3.66
C GLU A 64 -22.92 4.97 3.20
N VAL A 65 -21.72 4.93 2.64
CA VAL A 65 -21.07 6.12 2.07
C VAL A 65 -20.74 5.72 0.63
N VAL A 66 -21.42 6.34 -0.31
CA VAL A 66 -21.35 5.92 -1.69
C VAL A 66 -20.19 6.59 -2.42
N GLU A 67 -19.85 7.84 -2.07
CA GLU A 67 -18.69 8.51 -2.69
C GLU A 67 -17.46 7.62 -2.52
N GLU A 68 -16.64 7.50 -3.55
CA GLU A 68 -15.44 6.69 -3.51
C GLU A 68 -14.49 7.17 -2.42
N ASN A 69 -14.19 8.46 -2.46
CA ASN A 69 -13.45 9.12 -1.39
C ASN A 69 -14.40 9.46 -0.22
N TYR A 70 -14.26 8.78 0.90
CA TYR A 70 -15.19 8.92 2.01
C TYR A 70 -14.94 10.10 2.98
N HIS A 71 -13.91 10.89 2.76
CA HIS A 71 -13.60 11.96 3.68
C HIS A 71 -14.62 13.07 3.60
N ASP A 72 -15.23 13.38 4.73
CA ASP A 72 -16.26 14.43 4.81
C ASP A 72 -17.36 14.15 3.80
N ALA A 73 -17.68 12.87 3.60
CA ALA A 73 -18.64 12.46 2.57
C ALA A 73 -20.02 12.23 3.16
N PRO A 74 -21.06 12.32 2.31
CA PRO A 74 -22.38 12.05 2.90
C PRO A 74 -22.58 10.56 3.32
N ILE A 75 -23.33 10.31 4.39
CA ILE A 75 -23.85 9.00 4.73
C ILE A 75 -25.27 8.96 4.20
N VAL A 76 -25.58 8.05 3.29
CA VAL A 76 -26.87 8.10 2.57
C VAL A 76 -27.95 7.28 3.24
N GLY A 77 -27.59 6.37 4.13
CA GLY A 77 -28.61 5.55 4.81
C GLY A 77 -27.97 4.59 5.77
N ILE A 78 -28.75 3.99 6.65
CA ILE A 78 -28.27 3.11 7.73
C ILE A 78 -29.18 1.88 7.78
N ALA A 79 -28.58 0.71 7.91
CA ALA A 79 -29.36 -0.49 8.16
C ALA A 79 -28.77 -1.22 9.34
N VAL A 80 -29.65 -1.77 10.15
CA VAL A 80 -29.34 -2.60 11.29
C VAL A 80 -30.11 -3.91 11.17
N VAL A 81 -29.41 -5.03 11.30
CA VAL A 81 -30.04 -6.30 11.43
C VAL A 81 -29.58 -6.92 12.75
N ASN A 82 -30.52 -7.35 13.57
CA ASN A 82 -30.18 -8.03 14.81
C ASN A 82 -31.19 -9.13 15.17
N GLU A 83 -31.16 -9.62 16.40
CA GLU A 83 -32.08 -10.67 16.81
C GLU A 83 -33.54 -10.25 16.71
N HIS A 84 -33.83 -9.00 17.04
CA HIS A 84 -35.15 -8.44 16.91
C HIS A 84 -35.72 -8.25 15.55
N GLY A 85 -34.90 -7.98 14.55
CA GLY A 85 -35.43 -7.70 13.24
C GLY A 85 -34.48 -7.01 12.29
N ARG A 86 -35.03 -6.48 11.20
CA ARG A 86 -34.24 -5.73 10.26
C ARG A 86 -34.82 -4.33 10.16
N PHE A 87 -33.93 -3.32 10.10
CA PHE A 87 -34.32 -1.93 10.19
C PHE A 87 -33.51 -1.08 9.21
N PHE A 88 -34.22 -0.18 8.55
CA PHE A 88 -33.58 0.93 7.85
C PHE A 88 -33.86 2.25 8.60
N LEU A 89 -32.82 3.05 8.80
CA LEU A 89 -32.95 4.41 9.38
C LEU A 89 -32.39 5.46 8.45
N ARG A 90 -33.04 6.60 8.41
CA ARG A 90 -32.54 7.75 7.71
C ARG A 90 -31.49 8.38 8.59
N PRO A 91 -30.32 8.67 8.03
CA PRO A 91 -29.18 9.21 8.79
C PRO A 91 -29.42 10.52 9.54
N GLU A 92 -30.18 11.45 8.98
CA GLU A 92 -30.52 12.67 9.73
C GLU A 92 -31.35 12.33 10.97
N THR A 93 -32.09 11.24 10.92
CA THR A 93 -32.82 10.80 12.10
C THR A 93 -31.84 10.13 13.03
N ALA A 94 -31.17 9.07 12.55
CA ALA A 94 -30.36 8.22 13.41
C ALA A 94 -29.20 8.99 14.07
N LEU A 95 -28.52 9.83 13.30
CA LEU A 95 -27.26 10.42 13.77
C LEU A 95 -27.50 11.63 14.67
N ALA A 96 -28.71 12.15 14.69
CA ALA A 96 -29.14 13.15 15.67
C ALA A 96 -29.81 12.52 16.91
N ASP A 97 -29.86 11.20 16.99
CA ASP A 97 -30.49 10.54 18.13
C ASP A 97 -29.45 10.17 19.19
N PRO A 98 -29.59 10.72 20.40
CA PRO A 98 -28.56 10.46 21.41
C PRO A 98 -28.33 9.00 21.71
N GLN A 99 -29.40 8.22 21.81
CA GLN A 99 -29.29 6.81 22.12
C GLN A 99 -28.54 6.06 21.02
N PHE A 100 -28.86 6.37 19.77
CA PHE A 100 -28.19 5.72 18.65
C PHE A 100 -26.69 6.03 18.62
N VAL A 101 -26.35 7.31 18.77
CA VAL A 101 -24.97 7.74 18.83
C VAL A 101 -24.27 7.09 20.02
N ALA A 102 -24.89 7.07 21.19
CA ALA A 102 -24.30 6.32 22.30
C ALA A 102 -24.06 4.87 21.93
N TRP A 103 -25.02 4.24 21.25
CA TRP A 103 -24.91 2.82 20.88
C TRP A 103 -23.76 2.59 19.94
N LEU A 104 -23.62 3.45 18.95
CA LEU A 104 -22.52 3.39 18.04
C LEU A 104 -21.19 3.43 18.73
N GLY A 105 -21.09 4.29 19.75
CA GLY A 105 -19.85 4.51 20.49
C GLY A 105 -19.58 3.54 21.64
N ASP A 106 -20.49 2.62 21.89
CA ASP A 106 -20.34 1.72 23.05
C ASP A 106 -19.64 0.46 22.55
N GLU A 107 -18.40 0.29 23.02
CA GLU A 107 -17.55 -0.86 22.73
C GLU A 107 -18.21 -2.20 23.04
N THR A 108 -19.09 -2.21 24.04
CA THR A 108 -19.68 -3.46 24.47
C THR A 108 -20.87 -3.85 23.57
N LYS A 109 -21.29 -2.94 22.70
CA LYS A 109 -22.33 -3.25 21.73
C LYS A 109 -21.63 -3.65 20.44
N LYS A 110 -21.68 -4.94 20.11
CA LYS A 110 -20.84 -5.45 19.06
C LYS A 110 -21.50 -5.36 17.70
N LYS A 111 -20.71 -4.95 16.72
CA LYS A 111 -21.17 -4.78 15.36
C LYS A 111 -20.35 -5.59 14.36
N SER A 112 -21.06 -6.15 13.39
CA SER A 112 -20.48 -6.77 12.21
C SER A 112 -20.76 -5.93 10.98
N MET A 113 -19.71 -5.64 10.24
CA MET A 113 -19.80 -4.65 9.13
C MET A 113 -18.98 -5.13 7.96
N PHE A 114 -19.10 -4.43 6.83
CA PHE A 114 -18.20 -4.53 5.69
C PHE A 114 -17.52 -3.19 5.46
N ASP A 115 -16.19 -3.17 5.54
CA ASP A 115 -15.39 -1.93 5.32
C ASP A 115 -15.73 -0.93 6.39
N SER A 116 -15.53 -1.37 7.62
CA SER A 116 -15.83 -0.52 8.74
C SER A 116 -14.95 0.74 8.82
N LYS A 117 -13.75 0.74 8.24
CA LYS A 117 -12.94 1.99 8.22
C LYS A 117 -13.61 3.13 7.43
N ARG A 118 -14.28 2.80 6.33
CA ARG A 118 -15.04 3.81 5.55
C ARG A 118 -16.10 4.50 6.40
N ALA A 119 -16.85 3.69 7.14
CA ALA A 119 -17.89 4.15 8.01
C ALA A 119 -17.28 4.95 9.18
N ALA A 120 -16.29 4.36 9.86
CA ALA A 120 -15.63 5.06 10.98
C ALA A 120 -15.14 6.47 10.56
N VAL A 121 -14.44 6.58 9.46
CA VAL A 121 -13.93 7.87 9.03
C VAL A 121 -15.02 8.87 8.68
N ALA A 122 -16.04 8.44 7.92
CA ALA A 122 -17.17 9.31 7.60
C ALA A 122 -17.88 9.80 8.84
N LEU A 123 -17.95 8.94 9.85
CA LEU A 123 -18.53 9.36 11.09
C LEU A 123 -17.60 10.28 11.89
N LYS A 124 -16.28 10.07 11.84
CA LYS A 124 -15.33 10.96 12.48
C LYS A 124 -15.52 12.41 11.96
N TRP A 125 -15.70 12.56 10.66
CA TRP A 125 -15.95 13.88 10.11
C TRP A 125 -17.20 14.51 10.65
N LYS A 126 -18.10 13.73 11.22
CA LYS A 126 -19.33 14.27 11.79
C LYS A 126 -19.29 14.31 13.31
N GLY A 127 -18.12 14.09 13.92
CA GLY A 127 -18.00 14.16 15.36
C GLY A 127 -18.57 12.93 16.09
N ILE A 128 -18.65 11.77 15.43
CA ILE A 128 -19.24 10.60 16.06
C ILE A 128 -18.25 9.45 16.02
N GLU A 129 -18.06 8.77 17.16
CA GLU A 129 -17.16 7.63 17.22
C GLU A 129 -17.90 6.33 16.99
N LEU A 130 -17.24 5.43 16.26
CA LEU A 130 -17.78 4.09 16.01
C LEU A 130 -16.91 3.16 16.76
N CYS A 131 -17.45 2.38 17.66
CA CYS A 131 -16.66 1.41 18.42
C CYS A 131 -17.37 0.07 18.39
N GLY A 132 -16.68 -0.96 18.85
CA GLY A 132 -17.27 -2.25 19.04
C GLY A 132 -17.39 -3.08 17.78
N VAL A 133 -16.67 -2.73 16.73
CA VAL A 133 -16.70 -3.48 15.52
C VAL A 133 -15.87 -4.74 15.73
N SER A 134 -16.53 -5.89 15.85
CA SER A 134 -15.83 -7.14 16.17
C SER A 134 -15.67 -8.06 14.96
N PHE A 135 -16.27 -7.70 13.82
CA PHE A 135 -16.14 -8.50 12.60
C PHE A 135 -16.28 -7.57 11.39
N ASP A 136 -15.27 -7.61 10.53
CA ASP A 136 -15.25 -6.87 9.27
C ASP A 136 -15.15 -7.88 8.13
N LEU A 137 -16.26 -8.02 7.41
CA LEU A 137 -16.34 -8.99 6.33
C LEU A 137 -15.36 -8.73 5.18
N LEU A 138 -15.10 -7.46 4.86
CA LEU A 138 -14.10 -7.12 3.85
C LEU A 138 -12.73 -7.72 4.21
N LEU A 139 -12.29 -7.48 5.43
CA LEU A 139 -11.01 -7.95 5.90
C LEU A 139 -10.99 -9.47 6.01
N ALA A 140 -12.09 -10.08 6.40
CA ALA A 140 -12.19 -11.56 6.49
C ALA A 140 -11.99 -12.16 5.09
N ALA A 141 -12.70 -11.61 4.10
CA ALA A 141 -12.66 -12.14 2.75
C ALA A 141 -11.28 -11.95 2.18
N TYR A 142 -10.71 -10.78 2.43
CA TYR A 142 -9.34 -10.51 2.03
C TYR A 142 -8.35 -11.49 2.59
N LEU A 143 -8.46 -11.81 3.89
CA LEU A 143 -7.55 -12.82 4.45
C LEU A 143 -7.72 -14.22 3.87
N LEU A 144 -8.96 -14.62 3.60
CA LEU A 144 -9.25 -15.96 3.10
C LEU A 144 -8.77 -16.17 1.67
N ASP A 145 -8.83 -15.12 0.86
CA ASP A 145 -8.27 -15.20 -0.48
C ASP A 145 -8.16 -13.83 -1.15
N PRO A 146 -6.97 -13.23 -1.09
CA PRO A 146 -6.74 -11.90 -1.59
C PRO A 146 -6.80 -11.80 -3.10
N ALA A 147 -6.62 -12.91 -3.81
CA ALA A 147 -6.79 -12.96 -5.25
C ALA A 147 -8.23 -12.73 -5.78
N GLN A 148 -9.25 -12.91 -4.94
CA GLN A 148 -10.65 -12.74 -5.38
C GLN A 148 -11.00 -11.27 -5.66
N GLY A 149 -10.29 -10.32 -5.09
CA GLY A 149 -10.59 -8.93 -5.35
C GLY A 149 -11.95 -8.51 -4.75
N VAL A 150 -12.31 -9.07 -3.61
CA VAL A 150 -13.59 -8.75 -3.00
C VAL A 150 -13.66 -7.28 -2.65
N ASP A 151 -14.53 -6.55 -3.30
CA ASP A 151 -14.73 -5.16 -2.95
C ASP A 151 -16.18 -4.75 -2.68
N ASP A 152 -17.11 -5.70 -2.63
CA ASP A 152 -18.41 -5.41 -2.11
C ASP A 152 -18.96 -6.62 -1.39
N VAL A 153 -20.00 -6.39 -0.63
CA VAL A 153 -20.65 -7.47 0.11
C VAL A 153 -21.02 -8.65 -0.81
N ALA A 154 -21.56 -8.35 -2.00
CA ALA A 154 -21.98 -9.40 -2.92
C ALA A 154 -20.82 -10.33 -3.33
N ALA A 155 -19.63 -9.77 -3.64
CA ALA A 155 -18.47 -10.61 -3.99
C ALA A 155 -18.04 -11.48 -2.77
N ALA A 156 -18.16 -10.97 -1.56
CA ALA A 156 -17.82 -11.77 -0.41
C ALA A 156 -18.86 -12.89 -0.22
N ALA A 157 -20.14 -12.54 -0.33
CA ALA A 157 -21.23 -13.48 -0.15
C ALA A 157 -21.13 -14.65 -1.16
N LYS A 158 -20.73 -14.35 -2.38
CA LYS A 158 -20.63 -15.38 -3.44
C LYS A 158 -19.62 -16.50 -3.08
N MET A 159 -18.63 -16.15 -2.28
CA MET A 159 -17.65 -17.12 -1.79
C MET A 159 -18.27 -18.22 -0.93
N LYS A 160 -19.40 -17.94 -0.28
CA LYS A 160 -20.14 -18.96 0.44
C LYS A 160 -21.50 -19.22 -0.21
N GLN A 161 -21.60 -19.09 -1.51
CA GLN A 161 -22.84 -19.42 -2.24
C GLN A 161 -24.10 -18.65 -1.73
N TYR A 162 -23.89 -17.40 -1.29
CA TYR A 162 -24.98 -16.53 -0.84
C TYR A 162 -25.08 -15.47 -1.92
N GLU A 163 -26.28 -15.41 -2.52
CA GLU A 163 -26.55 -14.53 -3.66
C GLU A 163 -27.81 -13.67 -3.50
N ALA A 164 -28.30 -13.57 -2.27
CA ALA A 164 -29.53 -12.77 -1.98
C ALA A 164 -29.21 -11.28 -1.66
N VAL A 165 -28.24 -10.76 -2.40
CA VAL A 165 -27.75 -9.39 -2.25
C VAL A 165 -27.19 -8.97 -3.61
N ARG A 166 -27.45 -7.74 -4.04
CA ARG A 166 -26.94 -7.28 -5.34
C ARG A 166 -25.54 -6.65 -5.21
N PRO A 167 -24.73 -6.70 -6.29
CA PRO A 167 -23.52 -5.90 -6.32
C PRO A 167 -23.85 -4.39 -6.27
N ASP A 168 -23.06 -3.63 -5.49
CA ASP A 168 -23.21 -2.16 -5.43
C ASP A 168 -23.26 -1.47 -6.80
N GLU A 169 -22.47 -1.97 -7.75
CA GLU A 169 -22.46 -1.42 -9.11
C GLU A 169 -23.81 -1.57 -9.83
N ALA A 170 -24.60 -2.60 -9.52
CA ALA A 170 -25.89 -2.78 -10.14
C ALA A 170 -26.93 -1.83 -9.54
N VAL A 171 -26.72 -1.36 -8.32
CA VAL A 171 -27.69 -0.52 -7.64
C VAL A 171 -27.30 0.94 -7.86
N TYR A 172 -26.02 1.29 -7.73
CA TYR A 172 -25.57 2.67 -7.85
C TYR A 172 -25.22 3.12 -9.26
N GLY A 173 -25.01 2.19 -10.18
CA GLY A 173 -24.50 2.51 -11.53
C GLY A 173 -22.98 2.67 -11.52
N LYS A 174 -22.39 3.10 -12.63
CA LYS A 174 -20.94 3.44 -12.61
C LYS A 174 -20.57 4.60 -13.51
N GLY A 175 -19.48 5.25 -13.16
CA GLY A 175 -19.00 6.43 -13.89
C GLY A 175 -19.95 7.60 -13.86
N ALA A 176 -20.10 8.25 -15.00
CA ALA A 176 -20.99 9.42 -15.12
C ALA A 176 -22.41 9.11 -14.65
N LYS A 177 -22.88 7.87 -14.86
CA LYS A 177 -24.25 7.48 -14.51
C LYS A 177 -24.46 7.07 -13.04
N ARG A 178 -23.40 7.14 -12.25
CA ARG A 178 -23.46 6.71 -10.84
C ARG A 178 -24.44 7.62 -10.10
N ALA A 179 -25.36 7.03 -9.35
CA ALA A 179 -26.39 7.80 -8.65
C ALA A 179 -26.93 6.98 -7.46
N VAL A 180 -27.36 7.67 -6.41
CA VAL A 180 -28.06 7.06 -5.29
C VAL A 180 -29.50 6.92 -5.77
N PRO A 181 -30.08 5.72 -5.68
CA PRO A 181 -31.46 5.57 -6.14
C PRO A 181 -32.47 6.04 -5.09
N ASP A 182 -33.73 6.04 -5.47
CA ASP A 182 -34.83 6.35 -4.55
C ASP A 182 -34.83 5.48 -3.30
N GLU A 183 -35.39 6.02 -2.23
CA GLU A 183 -35.37 5.40 -0.92
C GLU A 183 -35.81 3.92 -0.86
N PRO A 184 -36.89 3.52 -1.58
CA PRO A 184 -37.22 2.10 -1.45
C PRO A 184 -36.13 1.18 -1.97
N VAL A 185 -35.54 1.54 -3.10
CA VAL A 185 -34.50 0.70 -3.69
C VAL A 185 -33.26 0.76 -2.77
N LEU A 186 -32.88 1.96 -2.35
CA LEU A 186 -31.72 2.11 -1.44
C LEU A 186 -31.88 1.29 -0.18
N ALA A 187 -33.02 1.44 0.48
CA ALA A 187 -33.26 0.80 1.76
C ALA A 187 -33.25 -0.71 1.67
N GLU A 188 -33.83 -1.24 0.60
CA GLU A 188 -33.80 -2.66 0.39
C GLU A 188 -32.38 -3.15 0.20
N HIS A 189 -31.58 -2.42 -0.55
CA HIS A 189 -30.20 -2.78 -0.76
C HIS A 189 -29.42 -2.78 0.51
N LEU A 190 -29.57 -1.75 1.32
CA LEU A 190 -28.81 -1.69 2.57
C LEU A 190 -29.21 -2.79 3.55
N VAL A 191 -30.50 -3.07 3.68
CA VAL A 191 -30.95 -4.19 4.53
C VAL A 191 -30.45 -5.54 4.00
N ARG A 192 -30.46 -5.76 2.68
CA ARG A 192 -29.88 -7.00 2.11
C ARG A 192 -28.39 -7.16 2.42
N LYS A 193 -27.64 -6.08 2.33
CA LYS A 193 -26.21 -6.15 2.70
C LYS A 193 -26.01 -6.50 4.20
N ALA A 194 -26.79 -5.85 5.07
CA ALA A 194 -26.77 -6.14 6.49
C ALA A 194 -27.14 -7.60 6.79
N ALA A 195 -28.19 -8.12 6.13
CA ALA A 195 -28.63 -9.52 6.32
C ALA A 195 -27.54 -10.48 5.88
N ALA A 196 -26.89 -10.19 4.78
CA ALA A 196 -25.78 -11.02 4.24
C ALA A 196 -24.64 -11.03 5.29
N ILE A 197 -24.30 -9.85 5.83
CA ILE A 197 -23.25 -9.78 6.86
C ILE A 197 -23.61 -10.66 8.07
N TRP A 198 -24.84 -10.52 8.57
CA TRP A 198 -25.36 -11.31 9.66
C TRP A 198 -25.26 -12.80 9.42
N ALA A 199 -25.62 -13.23 8.21
CA ALA A 199 -25.58 -14.65 7.84
C ALA A 199 -24.16 -15.14 7.62
N LEU A 200 -23.25 -14.29 7.17
CA LEU A 200 -21.92 -14.77 6.71
C LEU A 200 -20.83 -14.75 7.80
N GLU A 201 -21.07 -14.07 8.93
CA GLU A 201 -20.07 -13.98 9.97
C GLU A 201 -19.59 -15.36 10.39
N ARG A 202 -20.50 -16.25 10.73
CA ARG A 202 -20.12 -17.59 11.20
C ARG A 202 -19.28 -18.41 10.21
N PRO A 203 -19.74 -18.57 8.97
CA PRO A 203 -18.91 -19.36 8.03
C PRO A 203 -17.58 -18.72 7.67
N PHE A 204 -17.51 -17.41 7.55
CA PHE A 204 -16.16 -16.80 7.45
C PHE A 204 -15.26 -17.07 8.67
N LEU A 205 -15.76 -16.85 9.87
CA LEU A 205 -14.94 -17.05 11.09
C LEU A 205 -14.49 -18.53 11.21
N ASP A 206 -15.36 -19.44 10.82
CA ASP A 206 -15.04 -20.87 10.83
C ASP A 206 -13.93 -21.21 9.87
N GLU A 207 -13.97 -20.69 8.64
CA GLU A 207 -12.87 -20.95 7.72
C GLU A 207 -11.55 -20.28 8.17
N LEU A 208 -11.63 -19.04 8.61
CA LEU A 208 -10.47 -18.35 9.22
C LEU A 208 -9.79 -19.21 10.29
N ARG A 209 -10.61 -19.77 11.13
CA ARG A 209 -10.11 -20.63 12.20
C ARG A 209 -9.46 -21.93 11.69
N ARG A 210 -10.09 -22.58 10.71
CA ARG A 210 -9.49 -23.73 10.06
C ARG A 210 -8.14 -23.36 9.47
N ASN A 211 -8.05 -22.15 8.93
CA ASN A 211 -6.81 -21.67 8.37
C ASN A 211 -5.77 -21.17 9.39
N GLU A 212 -6.06 -21.19 10.69
CA GLU A 212 -5.26 -20.49 11.70
C GLU A 212 -5.02 -18.99 11.42
N GLN A 213 -6.07 -18.34 10.94
CA GLN A 213 -6.09 -16.92 10.62
C GLN A 213 -7.06 -16.10 11.48
N ASP A 214 -7.68 -16.71 12.47
CA ASP A 214 -8.69 -15.97 13.27
C ASP A 214 -8.12 -14.85 14.14
N ARG A 215 -6.97 -15.11 14.76
CA ARG A 215 -6.22 -14.06 15.48
C ARG A 215 -5.62 -13.03 14.52
N LEU A 216 -5.21 -13.45 13.33
CA LEU A 216 -4.79 -12.51 12.28
C LEU A 216 -5.87 -11.47 11.98
N LEU A 217 -7.13 -11.89 11.85
CA LEU A 217 -8.23 -10.97 11.70
C LEU A 217 -8.44 -10.10 12.96
N VAL A 218 -8.66 -10.77 14.08
CA VAL A 218 -9.15 -10.19 15.33
C VAL A 218 -8.09 -9.37 16.08
N GLU A 219 -6.84 -9.83 16.07
CA GLU A 219 -5.75 -9.14 16.74
C GLU A 219 -4.85 -8.27 15.88
N LEU A 220 -4.91 -8.41 14.56
CA LEU A 220 -4.07 -7.62 13.71
C LEU A 220 -4.79 -6.71 12.71
N GLU A 221 -5.51 -7.28 11.75
CA GLU A 221 -6.12 -6.46 10.71
C GLU A 221 -7.23 -5.53 11.20
N GLN A 222 -8.09 -6.02 12.07
CA GLN A 222 -9.17 -5.18 12.61
C GLN A 222 -8.63 -4.03 13.49
N PRO A 223 -7.72 -4.33 14.44
CA PRO A 223 -7.19 -3.23 15.23
C PRO A 223 -6.41 -2.24 14.34
N LEU A 224 -5.77 -2.72 13.28
CA LEU A 224 -5.01 -1.85 12.39
C LEU A 224 -5.96 -0.93 11.62
N SER A 225 -7.12 -1.48 11.28
CA SER A 225 -8.12 -0.75 10.54
C SER A 225 -8.54 0.54 11.32
N SER A 226 -8.73 0.44 12.61
CA SER A 226 -8.94 1.65 13.48
C SER A 226 -7.79 2.65 13.49
N ILE A 227 -6.58 2.12 13.59
CA ILE A 227 -5.37 2.95 13.58
C ILE A 227 -5.27 3.64 12.23
N LEU A 228 -5.52 2.90 11.16
CA LEU A 228 -5.48 3.55 9.85
C LEU A 228 -6.52 4.64 9.71
N ALA A 229 -7.70 4.42 10.28
CA ALA A 229 -8.79 5.40 10.25
C ALA A 229 -8.38 6.73 10.93
N GLU A 230 -7.72 6.61 12.08
CA GLU A 230 -7.18 7.80 12.78
C GLU A 230 -6.12 8.54 11.95
N MET A 231 -5.23 7.78 11.26
CA MET A 231 -4.16 8.40 10.46
C MET A 231 -4.76 9.20 9.29
N GLU A 232 -5.76 8.60 8.65
CA GLU A 232 -6.41 9.20 7.49
C GLU A 232 -7.14 10.50 7.89
N PHE A 233 -7.87 10.41 8.97
CA PHE A 233 -8.65 11.49 9.50
C PHE A 233 -7.72 12.64 9.91
N ALA A 234 -6.57 12.32 10.50
CA ALA A 234 -5.64 13.34 10.99
C ALA A 234 -5.09 14.08 9.79
N GLY A 235 -4.69 13.31 8.79
CA GLY A 235 -4.16 13.88 7.59
C GLY A 235 -2.76 14.38 7.81
N VAL A 236 -2.15 14.85 6.72
CA VAL A 236 -0.82 15.42 6.73
C VAL A 236 -0.92 16.87 6.20
N LYS A 237 -0.30 17.82 6.91
CA LYS A 237 -0.31 19.22 6.52
C LYS A 237 0.64 19.46 5.35
N VAL A 238 0.19 20.27 4.38
CA VAL A 238 1.00 20.67 3.19
C VAL A 238 1.23 22.16 3.12
N ASP A 239 2.47 22.58 2.89
CA ASP A 239 2.81 23.98 2.68
C ASP A 239 2.48 24.30 1.20
N THR A 240 1.27 24.72 0.94
CA THR A 240 0.82 24.81 -0.46
C THR A 240 1.58 25.91 -1.15
N LYS A 241 1.97 26.92 -0.39
CA LYS A 241 2.66 28.05 -0.97
C LYS A 241 4.01 27.63 -1.52
N ARG A 242 4.69 26.72 -0.83
CA ARG A 242 5.96 26.23 -1.28
C ARG A 242 5.76 25.34 -2.51
N LEU A 243 4.77 24.43 -2.47
CA LEU A 243 4.44 23.64 -3.68
C LEU A 243 4.19 24.51 -4.90
N GLU A 244 3.51 25.63 -4.70
CA GLU A 244 3.09 26.46 -5.84
C GLU A 244 4.28 27.18 -6.44
N GLN A 245 5.18 27.65 -5.59
CA GLN A 245 6.33 28.36 -6.08
C GLN A 245 7.26 27.37 -6.77
N MET A 246 7.37 26.16 -6.23
CA MET A 246 8.05 25.07 -6.94
C MET A 246 7.50 24.94 -8.35
N GLY A 247 6.18 24.82 -8.46
CA GLY A 247 5.51 24.68 -9.74
C GLY A 247 5.80 25.80 -10.71
N GLU A 248 5.96 27.02 -10.18
CA GLU A 248 6.29 28.18 -11.01
C GLU A 248 7.67 28.03 -11.65
N GLU A 249 8.64 27.62 -10.85
CA GLU A 249 9.97 27.41 -11.35
C GLU A 249 9.94 26.32 -12.40
N LEU A 250 9.23 25.24 -12.11
CA LEU A 250 9.18 24.11 -13.02
C LEU A 250 8.58 24.52 -14.33
N ALA A 251 7.53 25.33 -14.26
CA ALA A 251 6.82 25.74 -15.45
C ALA A 251 7.76 26.54 -16.33
N GLU A 252 8.56 27.40 -15.70
CA GLU A 252 9.56 28.15 -16.44
C GLU A 252 10.62 27.24 -17.06
N GLN A 253 11.07 26.25 -16.30
CA GLN A 253 12.04 25.29 -16.78
C GLN A 253 11.54 24.44 -17.93
N LEU A 254 10.28 24.02 -17.82
CA LEU A 254 9.70 23.19 -18.85
C LEU A 254 9.62 23.95 -20.15
N ARG A 255 9.27 25.21 -20.07
CA ARG A 255 9.11 26.02 -21.27
C ARG A 255 10.43 26.17 -22.02
N THR A 256 11.52 26.40 -21.30
CA THR A 256 12.85 26.50 -21.94
C THR A 256 13.23 25.18 -22.64
N VAL A 257 13.17 24.07 -21.92
CA VAL A 257 13.51 22.78 -22.52
C VAL A 257 12.56 22.43 -23.69
N GLU A 258 11.28 22.73 -23.56
CA GLU A 258 10.29 22.44 -24.60
C GLU A 258 10.61 23.18 -25.91
N GLN A 259 10.99 24.45 -25.81
CA GLN A 259 11.39 25.25 -26.98
C GLN A 259 12.64 24.65 -27.61
N ARG A 260 13.57 24.19 -26.77
CA ARG A 260 14.82 23.60 -27.23
C ARG A 260 14.54 22.34 -28.04
N ILE A 261 13.63 21.53 -27.54
CA ILE A 261 13.26 20.31 -28.24
C ILE A 261 12.64 20.58 -29.60
N TYR A 262 11.77 21.57 -29.71
CA TYR A 262 11.17 21.89 -30.99
C TYR A 262 12.25 22.35 -31.96
N GLU A 263 13.17 23.17 -31.47
CA GLU A 263 14.26 23.63 -32.30
C GLU A 263 15.18 22.51 -32.77
N LEU A 264 15.51 21.59 -31.88
CA LEU A 264 16.30 20.40 -32.22
C LEU A 264 15.55 19.42 -33.12
N ALA A 265 14.24 19.41 -33.03
CA ALA A 265 13.43 18.61 -33.92
C ALA A 265 13.08 19.33 -35.21
N GLY A 266 13.28 20.64 -35.21
CA GLY A 266 12.89 21.47 -36.33
C GLY A 266 11.39 21.49 -36.53
N GLN A 267 10.64 21.21 -35.48
CA GLN A 267 9.19 21.36 -35.52
C GLN A 267 8.53 21.23 -34.14
N GLU A 268 7.27 21.60 -34.05
CA GLU A 268 6.48 21.40 -32.85
C GLU A 268 5.70 20.10 -32.89
N PHE A 269 5.58 19.44 -31.74
CA PHE A 269 4.81 18.20 -31.65
C PHE A 269 4.48 17.91 -30.17
N ASN A 270 3.58 16.99 -29.91
CA ASN A 270 3.25 16.69 -28.51
C ASN A 270 4.32 15.78 -27.94
N ILE A 271 5.19 16.38 -27.15
CA ILE A 271 6.35 15.71 -26.60
C ILE A 271 5.87 14.60 -25.65
N ASN A 272 4.67 14.77 -25.09
CA ASN A 272 4.10 13.77 -24.17
C ASN A 272 3.44 12.57 -24.84
N SER A 273 3.43 12.56 -26.18
CA SER A 273 2.88 11.46 -26.91
C SER A 273 4.00 10.55 -27.42
N PRO A 274 4.13 9.34 -26.84
CA PRO A 274 5.13 8.39 -27.31
C PRO A 274 5.02 8.05 -28.81
N LYS A 275 3.81 8.15 -29.38
CA LYS A 275 3.61 8.02 -30.82
C LYS A 275 4.27 9.13 -31.61
N GLN A 276 3.99 10.39 -31.25
CA GLN A 276 4.56 11.51 -32.01
C GLN A 276 6.08 11.60 -31.80
N LEU A 277 6.50 11.35 -30.57
CA LEU A 277 7.89 11.37 -30.21
C LEU A 277 8.65 10.25 -30.95
N GLY A 278 8.01 9.10 -31.07
CA GLY A 278 8.50 8.01 -31.93
C GLY A 278 8.73 8.42 -33.37
N VAL A 279 7.80 9.19 -33.96
CA VAL A 279 7.99 9.63 -35.36
C VAL A 279 9.19 10.59 -35.52
N ILE A 280 9.39 11.47 -34.54
CA ILE A 280 10.52 12.41 -34.58
C ILE A 280 11.83 11.62 -34.45
N LEU A 281 11.87 10.71 -33.49
CA LEU A 281 13.12 10.05 -33.16
C LEU A 281 13.50 9.02 -34.21
N PHE A 282 12.53 8.17 -34.58
CA PHE A 282 12.79 7.04 -35.44
C PHE A 282 12.44 7.21 -36.89
N GLU A 283 11.86 8.32 -37.27
CA GLU A 283 11.59 8.52 -38.66
C GLU A 283 12.28 9.75 -39.16
N LYS A 284 11.98 10.89 -38.56
CA LYS A 284 12.64 12.10 -38.97
C LYS A 284 14.15 12.10 -38.68
N LEU A 285 14.54 11.68 -37.48
CA LEU A 285 15.93 11.74 -37.08
C LEU A 285 16.71 10.44 -37.34
N GLN A 286 15.98 9.39 -37.65
CA GLN A 286 16.53 8.10 -38.07
C GLN A 286 17.40 7.47 -37.00
N LEU A 287 17.04 7.72 -35.76
CA LEU A 287 17.71 7.08 -34.65
C LEU A 287 17.40 5.58 -34.68
N PRO A 288 18.35 4.73 -34.21
CA PRO A 288 18.15 3.28 -34.21
C PRO A 288 17.06 2.84 -33.27
N VAL A 289 16.28 1.87 -33.70
CA VAL A 289 15.20 1.30 -32.92
C VAL A 289 15.78 0.09 -32.21
N LEU A 290 16.00 0.25 -30.91
CA LEU A 290 16.64 -0.76 -30.06
C LEU A 290 15.64 -1.67 -29.38
N LYS A 291 14.39 -1.22 -29.31
CA LYS A 291 13.35 -1.96 -28.61
C LYS A 291 11.97 -1.50 -29.05
N LYS A 292 11.08 -2.47 -29.08
CA LYS A 292 9.74 -2.27 -29.54
C LYS A 292 8.78 -2.59 -28.40
N SER A 293 7.60 -2.02 -28.51
CA SER A 293 6.53 -2.24 -27.58
C SER A 293 5.41 -2.81 -28.43
N LYS A 294 4.40 -3.38 -27.79
CA LYS A 294 3.37 -4.10 -28.50
C LYS A 294 2.73 -3.17 -29.50
N THR A 295 2.54 -1.91 -29.09
CA THR A 295 2.00 -0.85 -29.97
C THR A 295 2.95 -0.39 -31.07
N GLY A 296 4.22 -0.14 -30.74
CA GLY A 296 5.17 0.51 -31.69
C GLY A 296 6.59 0.63 -31.17
N TYR A 297 7.23 1.80 -31.37
CA TYR A 297 8.61 1.99 -30.89
C TYR A 297 8.66 2.43 -29.42
N SER A 298 9.55 1.79 -28.65
CA SER A 298 9.77 2.16 -27.23
C SER A 298 10.47 3.50 -27.08
N THR A 299 9.93 4.37 -26.24
CA THR A 299 10.60 5.61 -25.90
C THR A 299 10.90 5.68 -24.39
N SER A 300 11.03 4.53 -23.75
CA SER A 300 11.28 4.52 -22.30
C SER A 300 12.65 5.14 -21.96
N ALA A 301 12.80 5.60 -20.71
CA ALA A 301 14.02 6.30 -20.28
C ALA A 301 15.29 5.49 -20.57
N ASP A 302 15.26 4.19 -20.26
CA ASP A 302 16.45 3.35 -20.47
C ASP A 302 16.86 3.19 -21.96
N VAL A 303 15.89 3.16 -22.88
CA VAL A 303 16.18 3.14 -24.31
C VAL A 303 16.78 4.49 -24.71
N LEU A 304 16.15 5.57 -24.26
CA LEU A 304 16.64 6.90 -24.62
C LEU A 304 18.09 7.20 -24.12
N GLU A 305 18.42 6.73 -22.92
CA GLU A 305 19.79 6.80 -22.41
C GLU A 305 20.81 6.31 -23.42
N LYS A 306 20.55 5.16 -24.04
CA LYS A 306 21.43 4.57 -25.04
C LYS A 306 21.45 5.32 -26.38
N LEU A 307 20.43 6.12 -26.68
CA LEU A 307 20.42 6.92 -27.92
C LEU A 307 21.06 8.31 -27.80
N ALA A 308 21.39 8.71 -26.58
CA ALA A 308 21.84 10.10 -26.34
C ALA A 308 23.08 10.49 -27.17
N PRO A 309 24.03 9.55 -27.38
CA PRO A 309 25.19 9.94 -28.23
C PRO A 309 24.88 10.28 -29.67
N TYR A 310 23.70 9.87 -30.19
CA TYR A 310 23.40 10.16 -31.61
C TYR A 310 22.86 11.54 -31.86
N HIS A 311 22.20 12.14 -30.89
CA HIS A 311 21.49 13.37 -31.13
C HIS A 311 21.24 14.11 -29.85
N GLU A 312 21.37 15.43 -29.93
CA GLU A 312 21.25 16.32 -28.78
C GLU A 312 19.82 16.37 -28.27
N ILE A 313 18.87 16.00 -29.13
CA ILE A 313 17.45 16.01 -28.74
C ILE A 313 17.24 15.07 -27.56
N VAL A 314 17.97 13.96 -27.48
CA VAL A 314 17.61 12.92 -26.52
C VAL A 314 17.72 13.39 -25.07
N GLU A 315 18.86 13.95 -24.68
CA GLU A 315 19.02 14.45 -23.31
C GLU A 315 17.92 15.49 -22.96
N ASN A 316 17.54 16.32 -23.91
CA ASN A 316 16.51 17.31 -23.68
C ASN A 316 15.15 16.66 -23.40
N ILE A 317 14.81 15.62 -24.17
CA ILE A 317 13.60 14.82 -23.90
C ILE A 317 13.58 14.19 -22.50
N LEU A 318 14.70 13.63 -22.10
CA LEU A 318 14.83 13.04 -20.78
C LEU A 318 14.63 14.06 -19.66
N HIS A 319 15.21 15.23 -19.84
CA HIS A 319 15.06 16.31 -18.90
C HIS A 319 13.62 16.73 -18.83
N TYR A 320 12.99 16.79 -19.99
CA TYR A 320 11.59 17.16 -20.08
C TYR A 320 10.69 16.19 -19.35
N ARG A 321 10.97 14.90 -19.49
CA ARG A 321 10.18 13.86 -18.85
C ARG A 321 10.34 13.84 -17.33
N GLN A 322 11.54 14.12 -16.83
CA GLN A 322 11.78 14.27 -15.40
C GLN A 322 11.00 15.45 -14.82
N LEU A 323 11.14 16.61 -15.44
CA LEU A 323 10.46 17.81 -14.95
C LEU A 323 8.94 17.67 -15.04
N GLY A 324 8.47 17.10 -16.14
CA GLY A 324 7.06 17.03 -16.43
C GLY A 324 6.35 16.03 -15.55
N LYS A 325 7.07 14.99 -15.14
CA LYS A 325 6.55 14.06 -14.14
C LYS A 325 6.39 14.74 -12.77
N LEU A 326 7.39 15.51 -12.39
CA LEU A 326 7.29 16.24 -11.12
C LEU A 326 6.11 17.20 -11.16
N GLN A 327 5.97 17.92 -12.27
CA GLN A 327 4.96 18.97 -12.38
C GLN A 327 3.54 18.39 -12.37
N SER A 328 3.30 17.39 -13.20
CA SER A 328 1.95 16.91 -13.41
C SER A 328 1.56 15.94 -12.29
N THR A 329 2.46 15.03 -11.91
CA THR A 329 2.13 14.03 -10.87
C THR A 329 2.27 14.57 -9.46
N TYR A 330 3.29 15.35 -9.17
CA TYR A 330 3.55 15.69 -7.78
C TYR A 330 3.27 17.11 -7.34
N ILE A 331 3.19 18.04 -8.26
CA ILE A 331 2.82 19.37 -7.84
C ILE A 331 1.34 19.55 -8.11
N GLU A 332 0.94 19.45 -9.37
CA GLU A 332 -0.47 19.63 -9.71
C GLU A 332 -1.33 18.53 -9.12
N GLY A 333 -0.81 17.32 -9.07
CA GLY A 333 -1.54 16.21 -8.51
C GLY A 333 -1.80 16.35 -7.02
N LEU A 334 -0.80 16.78 -6.25
CA LEU A 334 -1.01 17.03 -4.81
C LEU A 334 -1.93 18.22 -4.55
N LEU A 335 -1.70 19.33 -5.26
CA LEU A 335 -2.49 20.55 -5.08
C LEU A 335 -3.96 20.27 -5.26
N LYS A 336 -4.28 19.44 -6.25
CA LYS A 336 -5.67 19.06 -6.54
C LYS A 336 -6.37 18.38 -5.38
N VAL A 337 -5.66 17.67 -4.52
CA VAL A 337 -6.29 16.94 -3.41
C VAL A 337 -6.01 17.53 -2.00
N VAL A 338 -5.31 18.64 -1.91
CA VAL A 338 -5.22 19.34 -0.65
C VAL A 338 -6.56 19.98 -0.31
N ARG A 339 -7.02 19.84 0.92
CA ARG A 339 -8.24 20.51 1.32
C ARG A 339 -7.92 21.95 1.68
N PRO A 340 -8.49 22.89 0.95
CA PRO A 340 -8.18 24.32 1.07
C PRO A 340 -8.58 24.76 2.46
N ASP A 341 -9.48 23.95 2.94
CA ASP A 341 -10.11 24.03 4.20
C ASP A 341 -9.11 23.90 5.37
N THR A 342 -8.24 22.90 5.34
CA THR A 342 -7.25 22.72 6.39
C THR A 342 -5.81 22.71 5.93
N LYS A 343 -5.61 22.92 4.65
CA LYS A 343 -4.36 22.66 3.97
C LYS A 343 -3.78 21.28 4.25
N LYS A 344 -4.65 20.29 4.48
CA LYS A 344 -4.20 18.89 4.66
C LYS A 344 -4.59 17.97 3.48
N VAL A 345 -3.82 16.91 3.30
CA VAL A 345 -4.21 15.81 2.44
C VAL A 345 -4.62 14.66 3.32
N HIS A 346 -5.75 14.05 3.01
CA HIS A 346 -6.21 12.90 3.72
C HIS A 346 -6.25 11.71 2.81
N THR A 347 -5.21 10.89 2.88
CA THR A 347 -5.08 9.71 2.05
C THR A 347 -6.10 8.67 2.47
N ILE A 348 -6.37 7.74 1.58
CA ILE A 348 -7.11 6.56 1.97
C ILE A 348 -6.18 5.35 1.78
N PHE A 349 -5.93 4.58 2.83
CA PHE A 349 -5.15 3.35 2.72
C PHE A 349 -6.04 2.18 2.34
N ASN A 350 -5.70 1.46 1.27
CA ASN A 350 -6.43 0.24 0.93
C ASN A 350 -5.75 -0.92 1.64
N GLN A 351 -6.40 -1.44 2.66
CA GLN A 351 -5.87 -2.52 3.47
C GLN A 351 -6.26 -3.89 2.89
N ALA A 352 -7.11 -3.91 1.86
CA ALA A 352 -7.66 -5.12 1.32
C ALA A 352 -7.40 -5.32 -0.17
N LEU A 353 -6.20 -5.04 -0.64
CA LEU A 353 -5.91 -5.05 -2.09
C LEU A 353 -4.77 -5.94 -2.49
N THR A 354 -3.60 -5.79 -1.91
CA THR A 354 -2.42 -6.54 -2.34
C THR A 354 -2.43 -8.03 -2.01
N GLN A 355 -1.79 -8.80 -2.87
CA GLN A 355 -1.51 -10.21 -2.67
C GLN A 355 -0.52 -10.48 -1.54
N THR A 356 0.42 -9.57 -1.35
CA THR A 356 1.40 -9.63 -0.28
C THR A 356 0.97 -9.40 1.17
N GLY A 357 -0.03 -8.58 1.37
CA GLY A 357 -0.31 -8.03 2.67
C GLY A 357 0.15 -6.59 2.86
N ARG A 358 0.89 -6.08 1.91
CA ARG A 358 1.18 -4.67 1.88
C ARG A 358 -0.06 -3.76 1.81
N LEU A 359 0.05 -2.57 2.32
CA LEU A 359 -0.93 -1.50 2.15
C LEU A 359 -0.70 -0.77 0.85
N SER A 360 -1.74 -0.22 0.27
CA SER A 360 -1.57 0.79 -0.78
C SER A 360 -2.21 2.12 -0.31
N SER A 361 -1.92 3.21 -1.04
CA SER A 361 -2.31 4.56 -0.61
C SER A 361 -2.82 5.28 -1.86
N THR A 362 -3.96 5.97 -1.73
CA THR A 362 -4.57 6.71 -2.86
C THR A 362 -5.08 8.11 -2.46
N GLU A 363 -5.11 9.01 -3.42
CA GLU A 363 -5.80 10.30 -3.33
C GLU A 363 -5.39 11.11 -2.07
N PRO A 364 -4.12 11.44 -1.95
CA PRO A 364 -3.07 11.10 -2.91
C PRO A 364 -2.36 9.83 -2.53
N ASN A 365 -1.56 9.29 -3.45
CA ASN A 365 -0.63 8.23 -3.12
C ASN A 365 0.56 8.83 -2.38
N LEU A 366 0.75 8.52 -1.11
CA LEU A 366 1.82 9.14 -0.35
C LEU A 366 3.00 8.17 -0.16
N GLN A 367 3.01 7.14 -0.99
CA GLN A 367 3.99 6.08 -0.85
C GLN A 367 4.98 6.12 -1.95
N ASN A 368 4.85 7.08 -2.87
CA ASN A 368 5.86 7.21 -3.95
C ASN A 368 6.32 8.66 -4.14
N ILE A 369 6.42 9.38 -3.03
CA ILE A 369 6.91 10.76 -3.09
C ILE A 369 8.41 10.71 -3.38
N PRO A 370 8.88 11.53 -4.35
CA PRO A 370 10.27 11.37 -4.84
C PRO A 370 11.32 11.53 -3.77
N ILE A 371 12.41 10.78 -3.87
CA ILE A 371 13.52 10.85 -2.90
C ILE A 371 14.93 10.59 -3.50
N ARG A 372 15.00 9.81 -4.58
CA ARG A 372 16.29 9.39 -5.12
C ARG A 372 17.06 10.56 -5.69
N LEU A 373 16.40 11.42 -6.47
CA LEU A 373 17.06 12.54 -7.13
C LEU A 373 16.69 13.85 -6.41
N GLU A 374 17.70 14.66 -6.14
CA GLU A 374 17.59 15.84 -5.30
C GLU A 374 16.48 16.81 -5.74
N GLU A 375 16.38 17.10 -7.04
CA GLU A 375 15.33 17.99 -7.58
C GLU A 375 13.91 17.53 -7.18
N GLY A 376 13.66 16.24 -7.32
CA GLY A 376 12.38 15.66 -6.95
C GLY A 376 12.17 15.59 -5.44
N ARG A 377 13.25 15.30 -4.71
CA ARG A 377 13.19 15.15 -3.24
C ARG A 377 12.70 16.40 -2.51
N LYS A 378 13.01 17.56 -3.08
CA LYS A 378 12.61 18.84 -2.51
C LYS A 378 11.08 18.94 -2.38
N ILE A 379 10.34 18.04 -3.04
CA ILE A 379 8.88 18.00 -2.93
C ILE A 379 8.50 17.75 -1.50
N ARG A 380 9.32 16.97 -0.82
CA ARG A 380 9.01 16.57 0.56
C ARG A 380 9.17 17.73 1.53
N GLN A 381 9.81 18.82 1.12
CA GLN A 381 9.81 20.04 1.94
C GLN A 381 8.40 20.64 2.11
N ALA A 382 7.41 20.10 1.38
CA ALA A 382 6.06 20.64 1.37
C ALA A 382 5.20 19.93 2.40
N PHE A 383 5.72 18.88 2.99
CA PHE A 383 4.96 18.13 3.96
C PHE A 383 5.49 18.47 5.35
N VAL A 384 4.65 19.18 6.11
CA VAL A 384 5.10 19.88 7.32
C VAL A 384 4.28 19.39 8.51
N PRO A 385 4.71 19.67 9.77
CA PRO A 385 3.86 19.33 10.91
C PRO A 385 2.57 20.16 10.91
N SER A 386 1.53 19.62 11.51
CA SER A 386 0.22 20.31 11.53
C SER A 386 0.05 21.36 12.64
N GLU A 387 1.01 21.42 13.55
CA GLU A 387 0.96 22.39 14.66
C GLU A 387 2.33 23.03 14.82
N SER A 388 2.37 24.28 15.30
CA SER A 388 3.63 24.98 15.44
C SER A 388 4.39 24.33 16.58
N ASP A 389 5.72 24.32 16.47
CA ASP A 389 6.59 23.71 17.48
C ASP A 389 6.46 22.18 17.53
N TRP A 390 5.90 21.62 16.44
CA TRP A 390 5.89 20.19 16.19
C TRP A 390 6.89 19.87 15.13
N LEU A 391 7.36 18.63 15.11
CA LEU A 391 8.29 18.12 14.10
C LEU A 391 7.85 16.78 13.48
N ILE A 392 8.38 16.46 12.30
CA ILE A 392 8.14 15.22 11.67
C ILE A 392 9.23 14.24 12.17
N PHE A 393 8.80 13.07 12.56
CA PHE A 393 9.69 11.94 12.95
C PHE A 393 9.46 10.77 11.99
N ALA A 394 10.53 10.18 11.46
CA ALA A 394 10.45 9.05 10.49
C ALA A 394 11.36 7.96 10.98
N ALA A 395 10.88 6.73 10.97
CA ALA A 395 11.66 5.57 11.40
C ALA A 395 11.45 4.49 10.37
N ASP A 396 12.56 3.88 9.91
CA ASP A 396 12.52 2.88 8.86
C ASP A 396 13.34 1.65 9.25
N TYR A 397 12.81 0.49 8.94
CA TYR A 397 13.55 -0.74 9.04
C TYR A 397 14.67 -0.74 8.01
N SER A 398 15.81 -1.21 8.44
CA SER A 398 16.95 -1.41 7.57
C SER A 398 16.96 -2.85 7.06
N GLN A 399 16.75 -3.01 5.76
CA GLN A 399 16.79 -4.31 5.12
C GLN A 399 15.87 -5.37 5.78
N ILE A 400 14.63 -5.01 6.10
CA ILE A 400 13.75 -5.96 6.77
C ILE A 400 13.48 -7.21 5.91
N GLU A 401 13.31 -7.03 4.62
CA GLU A 401 13.06 -8.17 3.71
C GLU A 401 14.19 -9.18 3.74
N LEU A 402 15.45 -8.73 3.58
CA LEU A 402 16.54 -9.71 3.61
C LEU A 402 16.71 -10.36 4.98
N ARG A 403 16.36 -9.64 6.04
CA ARG A 403 16.46 -10.16 7.38
C ARG A 403 15.39 -11.23 7.61
N VAL A 404 14.17 -11.00 7.13
CA VAL A 404 13.15 -12.03 7.08
C VAL A 404 13.61 -13.24 6.26
N LEU A 405 14.21 -13.01 5.11
CA LEU A 405 14.72 -14.13 4.31
C LEU A 405 15.78 -14.96 5.10
N ALA A 406 16.70 -14.27 5.77
CA ALA A 406 17.68 -14.95 6.58
C ALA A 406 17.00 -15.83 7.60
N HIS A 407 15.99 -15.26 8.27
CA HIS A 407 15.25 -15.98 9.27
C HIS A 407 14.52 -17.19 8.68
N ILE A 408 13.77 -16.98 7.62
CA ILE A 408 12.93 -18.11 7.16
C ILE A 408 13.80 -19.18 6.45
N ALA A 409 14.84 -18.79 5.71
CA ALA A 409 15.75 -19.77 5.05
C ALA A 409 16.75 -20.44 6.04
N GLU A 410 16.98 -19.82 7.19
CA GLU A 410 18.03 -20.18 8.11
C GLU A 410 19.36 -20.37 7.35
N ASP A 411 19.69 -19.40 6.48
CA ASP A 411 20.94 -19.45 5.76
C ASP A 411 22.06 -18.94 6.69
N ASP A 412 23.08 -19.73 6.94
CA ASP A 412 24.09 -19.44 7.98
C ASP A 412 24.86 -18.18 7.65
N ASN A 413 25.17 -18.05 6.38
CA ASN A 413 25.97 -16.92 5.92
C ASN A 413 25.16 -15.66 5.95
N LEU A 414 23.92 -15.67 5.46
CA LEU A 414 23.07 -14.50 5.54
C LEU A 414 22.81 -14.11 7.00
N MET A 415 22.58 -15.10 7.88
CA MET A 415 22.28 -14.83 9.29
C MET A 415 23.48 -14.17 9.96
N GLU A 416 24.67 -14.70 9.68
CA GLU A 416 25.90 -14.19 10.25
C GLU A 416 26.10 -12.75 9.82
N ALA A 417 25.82 -12.48 8.56
CA ALA A 417 26.02 -11.15 8.03
C ALA A 417 25.17 -10.13 8.78
N PHE A 418 23.90 -10.46 9.01
CA PHE A 418 23.04 -9.61 9.82
C PHE A 418 23.40 -9.53 11.32
N ARG A 419 23.80 -10.63 11.91
CA ARG A 419 24.25 -10.63 13.28
C ARG A 419 25.48 -9.76 13.49
N ARG A 420 26.30 -9.60 12.45
CA ARG A 420 27.40 -8.65 12.45
C ARG A 420 27.00 -7.25 11.98
N ASP A 421 25.73 -7.05 11.68
CA ASP A 421 25.27 -5.79 11.08
C ASP A 421 26.15 -5.30 9.92
N LEU A 422 26.53 -6.20 9.03
CA LEU A 422 27.35 -5.84 7.86
C LEU A 422 26.53 -5.03 6.86
N ASP A 423 27.20 -4.24 6.04
CA ASP A 423 26.63 -3.72 4.79
C ASP A 423 26.32 -4.89 3.82
N ILE A 424 25.04 -5.18 3.64
CA ILE A 424 24.65 -6.43 3.03
C ILE A 424 25.05 -6.46 1.56
N HIS A 425 25.06 -5.31 0.89
CA HIS A 425 25.40 -5.28 -0.52
C HIS A 425 26.90 -5.49 -0.71
N THR A 426 27.73 -4.87 0.15
CA THR A 426 29.19 -5.10 0.10
C THR A 426 29.50 -6.54 0.39
N LYS A 427 28.85 -7.09 1.41
CA LYS A 427 29.12 -8.49 1.75
C LYS A 427 28.65 -9.42 0.61
N THR A 428 27.49 -9.16 0.02
CA THR A 428 27.02 -9.94 -1.12
C THR A 428 28.02 -9.88 -2.30
N ALA A 429 28.49 -8.68 -2.63
CA ALA A 429 29.61 -8.54 -3.57
C ALA A 429 30.87 -9.37 -3.25
N MET A 430 31.35 -9.29 -2.02
CA MET A 430 32.54 -10.02 -1.65
C MET A 430 32.35 -11.51 -1.91
N ASP A 431 31.19 -12.03 -1.52
CA ASP A 431 30.92 -13.45 -1.70
C ASP A 431 30.76 -13.83 -3.18
N ILE A 432 29.92 -13.14 -3.95
CA ILE A 432 29.72 -13.60 -5.32
CA ILE A 432 29.69 -13.48 -5.36
C ILE A 432 30.96 -13.40 -6.19
N PHE A 433 31.74 -12.34 -5.98
CA PHE A 433 33.00 -12.15 -6.72
C PHE A 433 34.22 -12.77 -6.05
N GLN A 434 34.06 -13.28 -4.84
CA GLN A 434 35.17 -13.86 -4.08
C GLN A 434 36.31 -12.89 -3.92
N VAL A 435 36.00 -11.64 -3.61
CA VAL A 435 37.04 -10.69 -3.27
C VAL A 435 36.96 -10.30 -1.81
N SER A 436 38.06 -9.74 -1.30
CA SER A 436 38.08 -9.14 0.03
C SER A 436 37.38 -7.81 -0.03
N GLU A 437 37.01 -7.29 1.14
CA GLU A 437 36.29 -6.04 1.26
C GLU A 437 36.90 -4.88 0.52
N ASP A 438 38.19 -4.65 0.65
CA ASP A 438 38.77 -3.48 0.02
C ASP A 438 38.98 -3.66 -1.50
N GLU A 439 38.75 -4.84 -2.04
CA GLU A 439 38.68 -5.06 -3.48
C GLU A 439 37.28 -4.90 -4.08
N VAL A 440 36.28 -4.57 -3.26
CA VAL A 440 34.93 -4.38 -3.83
C VAL A 440 34.88 -3.02 -4.50
N THR A 441 34.69 -2.97 -5.80
CA THR A 441 34.60 -1.69 -6.52
C THR A 441 33.15 -1.18 -6.49
N PRO A 442 32.92 0.11 -6.84
CA PRO A 442 31.55 0.59 -6.86
C PRO A 442 30.65 -0.17 -7.82
N ASN A 443 31.15 -0.57 -8.98
CA ASN A 443 30.36 -1.37 -9.90
C ASN A 443 30.00 -2.75 -9.32
N MET A 444 30.94 -3.40 -8.67
CA MET A 444 30.63 -4.70 -8.04
C MET A 444 29.52 -4.51 -7.02
N ARG A 445 29.59 -3.47 -6.21
CA ARG A 445 28.56 -3.26 -5.22
C ARG A 445 27.19 -3.01 -5.82
N ARG A 446 27.13 -2.18 -6.86
CA ARG A 446 25.88 -1.85 -7.55
C ARG A 446 25.22 -3.12 -8.10
N GLN A 447 26.01 -3.98 -8.73
CA GLN A 447 25.49 -5.17 -9.30
C GLN A 447 25.02 -6.20 -8.23
N ALA A 448 25.76 -6.38 -7.15
CA ALA A 448 25.29 -7.19 -6.02
C ALA A 448 23.99 -6.62 -5.38
N LYS A 449 23.91 -5.30 -5.27
CA LYS A 449 22.71 -4.64 -4.79
C LYS A 449 21.52 -4.98 -5.69
N ALA A 450 21.76 -5.02 -7.01
CA ALA A 450 20.71 -5.37 -7.95
C ALA A 450 20.26 -6.83 -7.79
N VAL A 451 21.19 -7.73 -7.52
CA VAL A 451 20.78 -9.11 -7.23
C VAL A 451 19.92 -9.13 -5.98
N ASN A 452 20.35 -8.39 -4.97
CA ASN A 452 19.58 -8.29 -3.73
C ASN A 452 18.19 -7.72 -3.95
N PHE A 453 18.09 -6.71 -4.81
CA PHE A 453 16.83 -6.13 -5.17
C PHE A 453 15.91 -7.18 -5.83
N GLY A 454 16.47 -7.94 -6.74
CA GLY A 454 15.75 -8.95 -7.47
C GLY A 454 15.18 -10.02 -6.57
N ILE A 455 15.94 -10.41 -5.56
CA ILE A 455 15.46 -11.32 -4.54
C ILE A 455 14.33 -10.71 -3.70
N VAL A 456 14.45 -9.47 -3.31
CA VAL A 456 13.44 -8.82 -2.50
C VAL A 456 12.11 -8.67 -3.24
N TYR A 457 12.16 -8.36 -4.53
CA TYR A 457 10.95 -8.17 -5.32
C TYR A 457 10.57 -9.32 -6.24
N GLY A 458 11.21 -10.47 -6.10
CA GLY A 458 10.85 -11.65 -6.86
C GLY A 458 10.98 -11.49 -8.38
N ILE A 459 11.98 -10.74 -8.84
CA ILE A 459 12.10 -10.53 -10.32
C ILE A 459 12.78 -11.76 -10.99
N SER A 460 12.61 -11.91 -12.30
CA SER A 460 13.19 -13.03 -13.03
C SER A 460 14.62 -12.73 -13.48
N ASP A 461 15.31 -13.77 -13.98
CA ASP A 461 16.62 -13.60 -14.64
C ASP A 461 16.52 -12.61 -15.81
N TYR A 462 15.38 -12.62 -16.52
CA TYR A 462 15.07 -11.61 -17.54
C TYR A 462 14.98 -10.24 -16.91
N GLY A 463 14.28 -10.14 -15.77
CA GLY A 463 14.16 -8.86 -15.08
C GLY A 463 15.54 -8.34 -14.68
N LEU A 464 16.33 -9.21 -14.06
CA LEU A 464 17.64 -8.85 -13.58
C LEU A 464 18.53 -8.38 -14.73
N ALA A 465 18.47 -9.08 -15.85
CA ALA A 465 19.23 -8.73 -17.02
C ALA A 465 18.83 -7.35 -17.51
N GLN A 466 17.54 -7.06 -17.52
CA GLN A 466 17.04 -5.76 -17.93
C GLN A 466 17.55 -4.68 -16.99
N ASN A 467 17.52 -5.00 -15.71
CA ASN A 467 17.94 -4.09 -14.66
C ASN A 467 19.43 -3.76 -14.75
N LEU A 468 20.24 -4.73 -15.14
CA LEU A 468 21.69 -4.57 -15.14
C LEU A 468 22.22 -4.31 -16.55
N ASN A 469 21.34 -4.27 -17.52
CA ASN A 469 21.76 -4.11 -18.90
C ASN A 469 22.79 -5.16 -19.34
N ILE A 470 22.53 -6.41 -19.02
CA ILE A 470 23.40 -7.51 -19.38
C ILE A 470 22.54 -8.57 -20.05
N SER A 471 23.16 -9.64 -20.55
CA SER A 471 22.43 -10.74 -21.14
C SER A 471 21.72 -11.61 -20.08
N ARG A 472 20.68 -12.30 -20.53
CA ARG A 472 19.97 -13.30 -19.74
C ARG A 472 20.92 -14.36 -19.18
N LYS A 473 21.85 -14.81 -20.02
CA LYS A 473 22.84 -15.81 -19.61
C LYS A 473 23.74 -15.32 -18.47
N GLU A 474 24.18 -14.08 -18.56
CA GLU A 474 25.06 -13.52 -17.54
C GLU A 474 24.24 -13.31 -16.24
N ALA A 475 22.98 -12.91 -16.41
CA ALA A 475 22.13 -12.73 -15.27
C ALA A 475 21.94 -14.06 -14.53
N ALA A 476 21.82 -15.16 -15.27
CA ALA A 476 21.62 -16.51 -14.68
C ALA A 476 22.90 -16.93 -13.96
N GLU A 477 24.04 -16.58 -14.56
CA GLU A 477 25.34 -16.72 -13.90
C GLU A 477 25.42 -15.97 -12.55
N PHE A 478 24.95 -14.74 -12.50
CA PHE A 478 24.93 -14.01 -11.22
C PHE A 478 24.15 -14.78 -10.16
N ILE A 479 22.95 -15.23 -10.53
CA ILE A 479 22.04 -15.93 -9.62
C ILE A 479 22.65 -17.24 -9.13
N GLU A 480 23.29 -17.96 -10.03
CA GLU A 480 23.97 -19.19 -9.66
C GLU A 480 25.10 -18.93 -8.68
N ARG A 481 25.83 -17.85 -8.89
CA ARG A 481 26.88 -17.47 -7.98
C ARG A 481 26.31 -17.14 -6.60
N TYR A 482 25.18 -16.47 -6.57
CA TYR A 482 24.55 -16.12 -5.31
C TYR A 482 24.19 -17.36 -4.52
N PHE A 483 23.61 -18.35 -5.19
CA PHE A 483 23.18 -19.57 -4.52
C PHE A 483 24.32 -20.43 -3.99
N GLU A 484 25.48 -20.39 -4.64
CA GLU A 484 26.68 -21.02 -4.06
C GLU A 484 27.13 -20.33 -2.74
N SER A 485 27.00 -19.00 -2.67
CA SER A 485 27.34 -18.29 -1.43
C SER A 485 26.27 -18.42 -0.36
N PHE A 486 25.01 -18.60 -0.79
CA PHE A 486 23.89 -18.66 0.12
C PHE A 486 23.05 -19.90 -0.14
N PRO A 487 23.64 -21.09 0.14
CA PRO A 487 22.95 -22.37 -0.15
C PRO A 487 21.61 -22.55 0.59
N GLY A 488 21.47 -21.93 1.75
CA GLY A 488 20.22 -21.98 2.53
C GLY A 488 19.12 -21.23 1.82
N VAL A 489 19.46 -20.11 1.20
CA VAL A 489 18.48 -19.38 0.39
C VAL A 489 18.05 -20.26 -0.79
N LYS A 490 19.00 -20.83 -1.49
CA LYS A 490 18.66 -21.76 -2.58
C LYS A 490 17.73 -22.87 -2.15
N ARG A 491 18.06 -23.50 -1.04
CA ARG A 491 17.26 -24.60 -0.49
C ARG A 491 15.86 -24.09 -0.10
N TYR A 492 15.78 -22.88 0.45
CA TYR A 492 14.48 -22.31 0.77
C TYR A 492 13.63 -22.11 -0.50
N MET A 493 14.27 -21.62 -1.53
CA MET A 493 13.62 -21.37 -2.77
C MET A 493 13.07 -22.67 -3.43
N GLU A 494 13.86 -23.71 -3.41
CA GLU A 494 13.38 -25.01 -3.86
C GLU A 494 12.22 -25.54 -3.00
N ASN A 495 12.34 -25.39 -1.68
CA ASN A 495 11.37 -26.03 -0.76
C ASN A 495 10.06 -25.29 -0.84
N ILE A 496 10.10 -23.96 -0.95
CA ILE A 496 8.86 -23.21 -0.92
C ILE A 496 8.05 -23.43 -2.22
N VAL A 497 8.73 -23.62 -3.35
CA VAL A 497 8.06 -23.91 -4.60
C VAL A 497 7.38 -25.29 -4.50
N GLN A 498 8.08 -26.29 -3.97
CA GLN A 498 7.49 -27.62 -3.71
C GLN A 498 6.30 -27.53 -2.75
N GLU A 499 6.41 -26.72 -1.72
CA GLU A 499 5.31 -26.59 -0.77
C GLU A 499 4.09 -25.94 -1.44
N ALA A 500 4.31 -24.90 -2.24
CA ALA A 500 3.23 -24.27 -2.96
C ALA A 500 2.53 -25.27 -3.90
N LYS A 501 3.33 -26.13 -4.53
CA LYS A 501 2.76 -27.16 -5.39
C LYS A 501 1.92 -28.15 -4.61
N GLN A 502 2.39 -28.55 -3.45
CA GLN A 502 1.74 -29.61 -2.65
C GLN A 502 0.46 -29.09 -1.93
N LYS A 503 0.54 -27.92 -1.32
CA LYS A 503 -0.55 -27.36 -0.55
C LYS A 503 -1.50 -26.51 -1.35
N GLY A 504 -1.00 -25.86 -2.40
CA GLY A 504 -1.83 -24.93 -3.22
C GLY A 504 -1.59 -23.47 -2.87
N TYR A 505 -0.81 -23.23 -1.82
CA TYR A 505 -0.61 -21.87 -1.33
C TYR A 505 0.69 -21.75 -0.49
N VAL A 506 1.15 -20.52 -0.27
CA VAL A 506 2.26 -20.23 0.64
C VAL A 506 1.75 -19.30 1.72
N THR A 507 2.45 -19.26 2.84
CA THR A 507 1.98 -18.47 3.98
C THR A 507 3.10 -17.60 4.52
N THR A 508 2.70 -16.57 5.25
CA THR A 508 3.65 -15.64 5.88
C THR A 508 3.82 -15.95 7.33
N LEU A 509 4.78 -15.27 7.96
CA LEU A 509 5.03 -15.44 9.39
C LEU A 509 3.78 -15.41 10.28
N LEU A 510 2.85 -14.51 10.02
CA LEU A 510 1.63 -14.42 10.86
C LEU A 510 0.37 -15.02 10.19
N HIS A 511 0.59 -15.96 9.24
CA HIS A 511 -0.41 -16.86 8.67
C HIS A 511 -1.27 -16.26 7.59
N ARG A 512 -0.80 -15.18 7.00
CA ARG A 512 -1.36 -14.65 5.79
C ARG A 512 -1.09 -15.65 4.68
N ARG A 513 -2.00 -15.76 3.75
CA ARG A 513 -1.98 -16.82 2.76
C ARG A 513 -2.12 -16.30 1.32
N ARG A 514 -1.35 -16.88 0.41
CA ARG A 514 -1.52 -16.64 -1.01
C ARG A 514 -1.65 -17.95 -1.79
N TYR A 515 -2.75 -18.11 -2.51
CA TYR A 515 -3.03 -19.29 -3.32
C TYR A 515 -2.34 -19.16 -4.68
N LEU A 516 -1.65 -20.20 -5.14
CA LEU A 516 -0.90 -20.10 -6.38
C LEU A 516 -1.25 -21.24 -7.32
N PRO A 517 -2.49 -21.23 -7.86
CA PRO A 517 -2.93 -22.29 -8.78
C PRO A 517 -2.13 -22.37 -10.10
N ASP A 518 -1.54 -21.26 -10.56
CA ASP A 518 -0.64 -21.29 -11.73
C ASP A 518 0.70 -22.06 -11.55
N ILE A 519 1.02 -22.46 -10.34
CA ILE A 519 2.23 -23.26 -10.08
C ILE A 519 2.30 -24.55 -10.94
N THR A 520 1.17 -25.14 -11.31
CA THR A 520 1.17 -26.36 -12.13
C THR A 520 1.07 -26.13 -13.66
N SER A 521 0.90 -24.89 -14.07
CA SER A 521 0.61 -24.58 -15.45
C SER A 521 1.69 -25.03 -16.42
N ARG A 522 1.31 -25.42 -17.61
CA ARG A 522 2.30 -25.84 -18.59
C ARG A 522 2.82 -24.70 -19.48
N ASN A 523 2.33 -23.51 -19.26
CA ASN A 523 2.92 -22.33 -19.86
C ASN A 523 4.12 -21.91 -19.00
N PHE A 524 5.31 -21.78 -19.60
CA PHE A 524 6.55 -21.47 -18.86
C PHE A 524 6.46 -20.13 -18.10
N ASN A 525 6.01 -19.09 -18.78
CA ASN A 525 6.04 -17.76 -18.18
C ASN A 525 4.97 -17.63 -17.10
N VAL A 526 3.81 -18.23 -17.31
CA VAL A 526 2.79 -18.28 -16.27
C VAL A 526 3.27 -19.10 -15.06
N ARG A 527 3.83 -20.27 -15.31
CA ARG A 527 4.32 -21.09 -14.20
C ARG A 527 5.48 -20.37 -13.44
N SER A 528 6.45 -19.85 -14.17
CA SER A 528 7.62 -19.16 -13.57
C SER A 528 7.26 -17.97 -12.70
N PHE A 529 6.27 -17.21 -13.13
CA PHE A 529 5.73 -16.13 -12.32
C PHE A 529 5.20 -16.63 -10.97
N ALA A 530 4.42 -17.70 -11.01
CA ALA A 530 3.82 -18.28 -9.78
C ALA A 530 4.89 -18.79 -8.83
N GLU A 531 5.93 -19.41 -9.37
CA GLU A 531 7.06 -19.92 -8.56
C GLU A 531 7.75 -18.75 -7.86
N ARG A 532 7.92 -17.64 -8.57
CA ARG A 532 8.55 -16.47 -7.99
C ARG A 532 7.70 -15.88 -6.88
N MET A 533 6.37 -15.90 -7.09
CA MET A 533 5.45 -15.40 -6.08
C MET A 533 5.47 -16.35 -4.88
N ALA A 534 5.65 -17.63 -5.13
CA ALA A 534 5.82 -18.57 -4.02
C ALA A 534 7.09 -18.23 -3.19
N MET A 535 8.14 -17.82 -3.87
CA MET A 535 9.42 -17.50 -3.21
C MET A 535 9.31 -16.18 -2.41
N ASN A 536 8.77 -15.19 -3.08
CA ASN A 536 8.78 -13.85 -2.62
C ASN A 536 7.67 -13.49 -1.61
N THR A 537 6.50 -14.08 -1.73
CA THR A 537 5.41 -13.66 -0.86
C THR A 537 5.69 -13.90 0.64
N PRO A 538 6.27 -15.06 1.02
CA PRO A 538 6.64 -15.15 2.43
C PRO A 538 7.69 -14.09 2.92
N ILE A 539 8.43 -13.49 1.97
CA ILE A 539 9.43 -12.49 2.34
C ILE A 539 8.73 -11.16 2.51
N GLN A 540 8.17 -10.69 1.41
CA GLN A 540 7.51 -9.43 1.43
C GLN A 540 6.27 -9.40 2.32
N GLY A 541 5.51 -10.50 2.39
CA GLY A 541 4.32 -10.56 3.22
C GLY A 541 4.63 -10.67 4.71
N SER A 542 5.74 -11.32 5.04
CA SER A 542 6.15 -11.31 6.43
C SER A 542 6.64 -9.95 6.86
N ALA A 543 7.40 -9.25 6.01
CA ALA A 543 7.79 -7.85 6.32
C ALA A 543 6.52 -6.99 6.62
N ALA A 544 5.47 -7.19 5.81
CA ALA A 544 4.22 -6.45 5.94
C ALA A 544 3.57 -6.78 7.27
N ASP A 545 3.56 -8.07 7.60
CA ASP A 545 2.99 -8.51 8.89
C ASP A 545 3.67 -7.79 10.05
N ILE A 546 5.01 -7.77 10.03
CA ILE A 546 5.80 -7.19 11.11
C ILE A 546 5.52 -5.72 11.27
N ILE A 547 5.53 -4.98 10.17
CA ILE A 547 5.32 -3.55 10.33
C ILE A 547 3.87 -3.22 10.77
N LYS A 548 2.90 -4.03 10.33
CA LYS A 548 1.56 -3.91 10.85
C LYS A 548 1.45 -4.15 12.37
N LYS A 549 2.13 -5.17 12.87
CA LYS A 549 2.15 -5.41 14.28
C LYS A 549 2.89 -4.25 14.99
N ALA A 550 3.94 -3.72 14.36
CA ALA A 550 4.67 -2.62 14.98
C ALA A 550 3.76 -1.40 15.15
N MET A 551 2.91 -1.17 14.15
CA MET A 551 1.97 -0.04 14.19
C MET A 551 1.00 -0.19 15.34
N ILE A 552 0.52 -1.42 15.55
CA ILE A 552 -0.41 -1.67 16.64
C ILE A 552 0.29 -1.48 17.99
N ASP A 553 1.47 -2.03 18.12
CA ASP A 553 2.22 -1.98 19.36
C ASP A 553 2.57 -0.51 19.68
N LEU A 554 2.97 0.24 18.66
CA LEU A 554 3.31 1.63 18.82
C LEU A 554 2.17 2.55 19.26
N ASN A 555 1.00 2.38 18.67
CA ASN A 555 -0.18 3.13 19.06
C ASN A 555 -0.56 2.85 20.52
N ALA A 556 -0.47 1.60 20.96
CA ALA A 556 -0.71 1.28 22.37
C ALA A 556 0.37 1.98 23.30
N ARG A 557 1.65 1.92 22.92
CA ARG A 557 2.72 2.51 23.71
C ARG A 557 2.62 4.00 23.78
N LEU A 558 2.30 4.65 22.68
CA LEU A 558 2.17 6.09 22.69
C LEU A 558 1.13 6.52 23.71
N LYS A 559 0.03 5.79 23.77
CA LYS A 559 -1.05 6.08 24.72
C LYS A 559 -0.62 5.77 26.15
N GLU A 560 -0.01 4.60 26.37
CA GLU A 560 0.54 4.28 27.68
C GLU A 560 1.49 5.36 28.20
N GLU A 561 2.34 5.91 27.32
CA GLU A 561 3.35 6.88 27.70
C GLU A 561 2.83 8.31 27.78
N ARG A 562 1.54 8.49 27.49
CA ARG A 562 0.90 9.78 27.48
C ARG A 562 1.51 10.79 26.52
N LEU A 563 2.00 10.33 25.39
CA LEU A 563 2.58 11.23 24.42
C LEU A 563 1.48 11.75 23.48
N GLN A 564 1.69 12.94 22.95
CA GLN A 564 0.83 13.51 21.92
C GLN A 564 1.25 13.15 20.52
N ALA A 565 2.40 12.51 20.34
CA ALA A 565 2.87 12.05 19.05
C ALA A 565 1.80 11.27 18.32
N ARG A 566 1.58 11.57 17.05
CA ARG A 566 0.65 10.80 16.26
C ARG A 566 1.20 10.23 14.94
N LEU A 567 0.82 9.00 14.66
CA LEU A 567 1.12 8.35 13.41
C LEU A 567 0.42 9.06 12.25
N LEU A 568 1.18 9.34 11.21
CA LEU A 568 0.63 9.97 10.04
C LEU A 568 0.57 9.07 8.80
N LEU A 569 1.64 8.34 8.55
CA LEU A 569 1.74 7.57 7.33
C LEU A 569 2.55 6.30 7.53
N GLN A 570 2.26 5.30 6.70
CA GLN A 570 3.12 4.14 6.53
C GLN A 570 3.53 4.05 5.06
N VAL A 571 4.81 3.79 4.82
CA VAL A 571 5.35 3.54 3.48
C VAL A 571 6.18 2.25 3.45
N HIS A 572 5.50 1.12 3.62
CA HIS A 572 6.01 -0.22 3.51
C HIS A 572 6.96 -0.69 4.57
N ASP A 573 8.09 0.00 4.70
CA ASP A 573 9.05 -0.31 5.74
C ASP A 573 9.38 0.87 6.66
N GLU A 574 8.59 1.92 6.59
CA GLU A 574 8.86 3.16 7.28
C GLU A 574 7.56 3.63 7.94
N LEU A 575 7.67 4.23 9.11
CA LEU A 575 6.55 4.91 9.76
C LEU A 575 6.89 6.40 9.96
N ILE A 576 5.91 7.27 9.65
CA ILE A 576 6.09 8.74 9.75
C ILE A 576 5.11 9.26 10.75
N LEU A 577 5.63 9.98 11.73
CA LEU A 577 4.82 10.57 12.79
C LEU A 577 5.07 12.10 12.83
N GLU A 578 4.22 12.79 13.55
CA GLU A 578 4.46 14.16 13.96
C GLU A 578 4.21 14.29 15.47
N ALA A 579 5.02 15.10 16.13
CA ALA A 579 4.95 15.31 17.56
C ALA A 579 5.55 16.64 17.97
N PRO A 580 5.21 17.10 19.17
CA PRO A 580 5.80 18.32 19.72
C PRO A 580 7.30 18.13 19.85
N LYS A 581 8.07 19.17 19.57
CA LYS A 581 9.56 19.09 19.64
C LYS A 581 10.07 18.56 20.97
N GLU A 582 9.32 18.82 22.03
CA GLU A 582 9.65 18.35 23.36
C GLU A 582 9.52 16.84 23.53
N GLU A 583 8.97 16.14 22.53
CA GLU A 583 8.87 14.67 22.60
C GLU A 583 9.92 13.93 21.74
N MET A 584 10.72 14.65 20.99
CA MET A 584 11.68 14.00 20.06
C MET A 584 12.64 13.07 20.77
N GLU A 585 13.25 13.50 21.89
CA GLU A 585 14.24 12.65 22.55
C GLU A 585 13.64 11.35 23.04
N ARG A 586 12.45 11.40 23.61
CA ARG A 586 11.78 10.13 23.98
C ARG A 586 11.40 9.26 22.79
N LEU A 587 10.97 9.85 21.68
CA LEU A 587 10.56 9.08 20.53
C LEU A 587 11.76 8.40 19.90
N CYS A 588 12.93 9.07 19.94
CA CYS A 588 14.21 8.47 19.49
C CYS A 588 14.49 7.15 20.16
N ARG A 589 14.12 6.99 21.41
CA ARG A 589 14.31 5.71 22.08
C ARG A 589 13.12 4.80 21.92
N LEU A 590 11.92 5.34 22.00
CA LEU A 590 10.71 4.50 22.01
C LEU A 590 10.38 3.87 20.64
N VAL A 591 10.27 4.68 19.60
CA VAL A 591 9.80 4.19 18.34
C VAL A 591 10.67 3.03 17.78
N PRO A 592 12.02 3.21 17.72
CA PRO A 592 12.86 2.12 17.24
C PRO A 592 12.72 0.85 18.07
N GLU A 593 12.64 1.00 19.39
CA GLU A 593 12.50 -0.16 20.27
C GLU A 593 11.22 -0.94 19.98
N VAL A 594 10.10 -0.23 19.85
CA VAL A 594 8.83 -0.90 19.56
C VAL A 594 8.86 -1.61 18.21
N MET A 595 9.38 -0.95 17.20
CA MET A 595 9.51 -1.53 15.88
C MET A 595 10.46 -2.73 15.87
N GLU A 596 11.57 -2.59 16.57
CA GLU A 596 12.56 -3.64 16.66
C GLU A 596 12.01 -4.88 17.36
N GLN A 597 11.16 -4.70 18.35
CA GLN A 597 10.70 -5.82 19.18
C GLN A 597 9.35 -6.35 18.75
N ALA A 598 8.79 -5.84 17.66
CA ALA A 598 7.48 -6.31 17.18
C ALA A 598 7.40 -7.88 17.06
N VAL A 599 8.43 -8.50 16.51
CA VAL A 599 8.62 -9.95 16.52
C VAL A 599 10.07 -10.26 16.90
N THR A 600 10.33 -11.52 17.30
CA THR A 600 11.67 -12.02 17.53
C THR A 600 12.03 -12.98 16.41
N LEU A 601 13.11 -12.69 15.69
CA LEU A 601 13.55 -13.53 14.58
C LEU A 601 14.90 -14.09 15.00
N ARG A 602 15.47 -14.94 14.18
CA ARG A 602 16.81 -15.50 14.39
C ARG A 602 17.92 -14.48 14.14
N VAL A 603 17.56 -13.32 13.57
CA VAL A 603 18.47 -12.22 13.42
C VAL A 603 17.82 -10.98 14.06
N PRO A 604 18.63 -10.01 14.46
CA PRO A 604 18.06 -8.76 14.96
C PRO A 604 17.29 -8.02 13.88
N LEU A 605 16.33 -7.21 14.29
CA LEU A 605 15.75 -6.23 13.42
C LEU A 605 16.40 -4.91 13.83
N LYS A 606 16.51 -4.01 12.87
CA LYS A 606 17.22 -2.77 13.06
C LYS A 606 16.45 -1.64 12.42
N VAL A 607 16.28 -0.55 13.18
CA VAL A 607 15.48 0.57 12.80
C VAL A 607 16.30 1.85 12.88
N ASP A 608 16.32 2.60 11.77
CA ASP A 608 16.96 3.90 11.70
C ASP A 608 15.91 5.01 11.81
N TYR A 609 16.28 6.13 12.40
CA TYR A 609 15.33 7.22 12.61
C TYR A 609 15.96 8.60 12.42
N HIS A 610 15.10 9.55 12.05
CA HIS A 610 15.44 10.92 11.83
C HIS A 610 14.26 11.79 12.14
N TYR A 611 14.51 13.07 12.39
CA TYR A 611 13.44 14.03 12.57
C TYR A 611 13.83 15.42 12.09
N GLY A 612 12.86 16.25 11.78
CA GLY A 612 13.15 17.61 11.32
C GLY A 612 11.91 18.45 11.03
N SER A 613 12.10 19.64 10.48
CA SER A 613 11.03 20.59 10.28
C SER A 613 10.06 20.17 9.20
N THR A 614 10.51 19.37 8.24
CA THR A 614 9.67 18.92 7.18
C THR A 614 10.02 17.45 6.91
N TRP A 615 9.18 16.75 6.14
CA TRP A 615 9.47 15.39 5.78
C TRP A 615 10.82 15.27 5.11
N TYR A 616 11.16 16.23 4.25
CA TYR A 616 12.46 16.33 3.63
C TYR A 616 13.59 16.24 4.63
N ASP A 617 13.50 17.04 5.70
CA ASP A 617 14.55 17.07 6.72
C ASP A 617 14.56 15.87 7.63
N ALA A 618 13.52 15.05 7.63
CA ALA A 618 13.53 13.84 8.45
C ALA A 618 14.30 12.72 7.76
N LYS A 619 15.54 13.05 7.37
CA LYS A 619 16.44 12.19 6.57
C LYS A 619 17.80 12.20 7.25
O1P FOX C 4 10.44 -8.57 -15.01
P FOX C 4 9.86 -9.84 -14.42
O2P FOX C 4 10.77 -10.89 -13.86
O5' FOX C 4 9.00 -9.37 -13.16
C5' FOX C 4 7.69 -8.87 -13.27
C4' FOX C 4 7.09 -9.08 -11.90
C6' FOX C 4 8.10 -8.84 -10.78
C3' FOX C 4 5.96 -8.09 -11.73
O3' FOX C 4 4.84 -8.63 -11.01
C2' FOX C 4 6.54 -6.91 -10.98
C1' FOX C 4 7.79 -7.45 -10.27
N9 FOX C 4 8.82 -6.47 -10.57
C4 FOX C 4 8.93 -5.40 -9.79
N3 FOX C 4 8.16 -5.40 -8.67
C2 FOX C 4 8.17 -4.36 -7.82
N2 FOX C 4 7.37 -4.46 -6.74
N1 FOX C 4 8.95 -3.26 -8.02
C6 FOX C 4 9.77 -3.15 -9.10
O6 FOX C 4 10.47 -2.13 -9.24
C5 FOX C 4 9.82 -4.24 -10.10
N7 FOX C 4 10.59 -4.24 -11.22
C8 FOX C 4 11.88 -3.88 -11.21
O8 FOX C 4 12.71 -4.73 -11.55
S SO4 D . 22.77 1.84 -0.18
O1 SO4 D . 23.27 1.58 -1.54
O2 SO4 D . 22.37 0.57 0.45
O3 SO4 D . 21.65 2.76 -0.31
O4 SO4 D . 23.83 2.46 0.63
S SO4 E . 34.91 -13.96 7.79
O1 SO4 E . 34.46 -14.80 6.69
O2 SO4 E . 34.53 -14.55 9.08
O3 SO4 E . 34.60 -12.55 7.52
O4 SO4 E . 36.38 -13.98 7.77
S SO4 F . -1.74 -30.46 -20.71
O1 SO4 F . -2.10 -31.12 -21.98
O2 SO4 F . -2.57 -30.99 -19.60
O3 SO4 F . -2.01 -29.01 -20.86
O4 SO4 F . -0.31 -30.67 -20.40
S SO4 G . 18.52 0.29 4.23
O1 SO4 G . 17.34 -0.59 4.24
O2 SO4 G . 19.07 0.48 5.57
O3 SO4 G . 18.16 1.59 3.66
O4 SO4 G . 19.58 -0.32 3.42
S SO4 H . -20.04 1.35 -1.21
O1 SO4 H . -19.11 2.46 -1.60
O2 SO4 H . -21.38 1.52 -1.81
O3 SO4 H . -20.16 1.29 0.26
O4 SO4 H . -19.51 0.09 -1.77
MG MG I . 14.87 1.20 4.81
#